data_2G5O
#
_entry.id   2G5O
#
_cell.length_a   56.069
_cell.length_b   83.347
_cell.length_c   58.829
_cell.angle_alpha   90.00
_cell.angle_beta   109.05
_cell.angle_gamma   90.00
#
_symmetry.space_group_name_H-M   'P 1 21 1'
#
loop_
_entity.id
_entity.type
_entity.pdbx_description
1 polymer 'Estrogen receptor'
2 polymer 'Nuclear receptor coactivator 2'
3 non-polymer (9ALPHA,13BETA,17BETA)-2-[(1Z)-BUT-1-EN-1-YL]ESTRA-1,3,5(10)-TRIENE-3,17-DIOL
4 water water
#
loop_
_entity_poly.entity_id
_entity_poly.type
_entity_poly.pdbx_seq_one_letter_code
_entity_poly.pdbx_strand_id
1 'polypeptide(L)'
;IKRSKKNSLALSLTADQMVSALLDAEPPILYSEYDPTRPFSEASMMGLLTNLADRELVHMINWAKRVPGFVDLTLHDQVH
LLE(CME)AWLEILMIGLVWRSMEHPGKLLFAPNLLLDRNQGK(CME)VEGMVEIFDMLLATSSRFRMMNLQGEEFVCLK
SIILLNSGVYTFLSSTLKSLEEKDHIHRVLDKITDTLIHLMAKAGLTLQQQHQRLAQLLLILSHIRHMSNKGMEHLYSMK
(CME)KNVVPLSDLLLEMLDAHRLHAPTS
;
A,B
2 'polypeptide(L)' KHKILHRLLQDSS C,D
#
loop_
_chem_comp.id
_chem_comp.type
_chem_comp.name
_chem_comp.formula
DRQ non-polymer (9ALPHA,13BETA,17BETA)-2-[(1Z)-BUT-1-EN-1-YL]ESTRA-1,3,5(10)-TRIENE-3,17-DIOL 'C22 H30 O2'
#
# COMPACT_ATOMS: atom_id res chain seq x y z
N ASN A 7 27.34 -13.35 -5.28
CA ASN A 7 27.06 -12.56 -6.50
C ASN A 7 25.71 -12.94 -7.11
N SER A 8 25.54 -12.72 -8.41
CA SER A 8 24.28 -13.02 -9.11
C SER A 8 24.44 -12.93 -10.63
N LEU A 9 23.39 -13.30 -11.36
CA LEU A 9 23.34 -13.14 -12.82
C LEU A 9 22.11 -12.32 -13.20
N ALA A 10 21.27 -12.08 -12.19
CA ALA A 10 20.01 -11.38 -12.36
C ALA A 10 20.23 -9.88 -12.58
N LEU A 11 21.36 -9.38 -12.10
CA LEU A 11 21.72 -7.99 -12.26
C LEU A 11 22.26 -7.68 -13.66
N SER A 12 22.56 -8.71 -14.44
CA SER A 12 23.08 -8.51 -15.78
C SER A 12 22.19 -9.01 -16.93
N LEU A 13 20.91 -9.26 -16.65
CA LEU A 13 19.94 -9.52 -17.71
C LEU A 13 19.61 -8.22 -18.44
N THR A 14 19.26 -8.31 -19.71
CA THR A 14 18.81 -7.15 -20.45
C THR A 14 17.33 -6.95 -20.16
N ALA A 15 16.81 -5.77 -20.49
CA ALA A 15 15.39 -5.47 -20.33
C ALA A 15 14.48 -6.48 -21.05
N ASP A 16 14.88 -6.91 -22.24
CA ASP A 16 14.13 -7.88 -23.03
C ASP A 16 14.17 -9.29 -22.47
N GLN A 17 15.28 -9.65 -21.85
CA GLN A 17 15.44 -10.96 -21.24
C GLN A 17 14.72 -11.01 -19.89
N MET A 18 14.62 -9.86 -19.23
CA MET A 18 13.87 -9.77 -17.98
C MET A 18 12.40 -10.10 -18.24
N VAL A 19 11.81 -9.40 -19.20
CA VAL A 19 10.44 -9.66 -19.65
C VAL A 19 10.26 -11.13 -20.00
N SER A 20 11.11 -11.60 -20.92
CA SER A 20 11.13 -12.97 -21.38
C SER A 20 11.20 -13.99 -20.25
N ALA A 21 12.11 -13.78 -19.30
CA ALA A 21 12.16 -14.64 -18.12
C ALA A 21 10.84 -14.59 -17.33
N LEU A 22 10.32 -13.40 -17.09
CA LEU A 22 9.13 -13.27 -16.25
C LEU A 22 7.89 -13.89 -16.91
N LEU A 23 7.70 -13.63 -18.21
CA LEU A 23 6.61 -14.23 -18.97
C LEU A 23 6.70 -15.75 -18.97
N ASP A 24 7.93 -16.26 -19.03
CA ASP A 24 8.13 -17.70 -19.03
C ASP A 24 7.93 -18.33 -17.66
N ALA A 25 7.99 -17.53 -16.60
CA ALA A 25 7.85 -18.03 -15.25
C ALA A 25 6.41 -18.06 -14.79
N GLU A 26 5.49 -17.49 -15.58
CA GLU A 26 4.08 -17.39 -15.24
C GLU A 26 3.46 -18.73 -14.83
N PRO A 27 2.70 -18.73 -13.73
CA PRO A 27 1.97 -19.94 -13.38
C PRO A 27 0.82 -20.18 -14.35
N PRO A 28 0.34 -21.44 -14.42
CA PRO A 28 -0.79 -21.83 -15.26
C PRO A 28 -2.09 -21.25 -14.73
N ILE A 29 -3.12 -21.20 -15.56
CA ILE A 29 -4.42 -20.78 -15.06
C ILE A 29 -5.21 -22.01 -14.58
N LEU A 30 -5.52 -22.02 -13.29
CA LEU A 30 -6.11 -23.18 -12.63
C LEU A 30 -7.63 -23.18 -12.70
N TYR A 31 -8.21 -24.36 -12.50
CA TYR A 31 -9.65 -24.53 -12.57
C TYR A 31 -10.27 -24.72 -11.20
N SER A 32 -11.52 -24.28 -11.08
CA SER A 32 -12.31 -24.59 -9.91
C SER A 32 -12.93 -25.98 -10.07
N GLU A 33 -13.18 -26.64 -8.95
CA GLU A 33 -13.98 -27.86 -8.94
C GLU A 33 -15.43 -27.51 -8.64
N TYR A 34 -15.84 -26.30 -9.04
CA TYR A 34 -17.21 -25.84 -8.86
C TYR A 34 -18.17 -26.73 -9.64
N ASP A 35 -19.30 -27.05 -9.02
CA ASP A 35 -20.34 -27.83 -9.66
C ASP A 35 -21.52 -26.93 -10.00
N PRO A 36 -21.58 -26.45 -11.26
CA PRO A 36 -22.53 -25.44 -11.74
C PRO A 36 -23.98 -25.89 -11.70
N THR A 37 -24.23 -27.05 -11.08
CA THR A 37 -25.59 -27.54 -10.88
C THR A 37 -26.07 -27.26 -9.46
N ARG A 38 -25.12 -27.15 -8.53
CA ARG A 38 -25.44 -26.82 -7.14
C ARG A 38 -25.24 -25.34 -6.86
N PRO A 39 -26.35 -24.63 -6.55
CA PRO A 39 -26.28 -23.22 -6.15
C PRO A 39 -25.39 -22.99 -4.91
N PHE A 40 -25.09 -21.73 -4.63
CA PHE A 40 -24.12 -21.38 -3.60
C PHE A 40 -24.68 -21.25 -2.19
N SER A 41 -23.82 -21.52 -1.22
CA SER A 41 -24.01 -21.11 0.18
C SER A 41 -22.78 -20.28 0.55
N GLU A 42 -22.77 -19.74 1.77
CA GLU A 42 -21.63 -18.97 2.23
C GLU A 42 -20.41 -19.89 2.40
N ALA A 43 -20.68 -21.14 2.76
CA ALA A 43 -19.62 -22.10 3.03
C ALA A 43 -19.12 -22.83 1.78
N SER A 44 -19.99 -22.98 0.77
CA SER A 44 -19.57 -23.65 -0.46
C SER A 44 -18.67 -22.77 -1.34
N MET A 45 -19.12 -21.54 -1.62
CA MET A 45 -18.34 -20.59 -2.40
C MET A 45 -16.99 -20.36 -1.73
N MET A 46 -17.05 -20.19 -0.41
CA MET A 46 -15.86 -19.94 0.38
C MET A 46 -14.91 -21.14 0.34
N GLY A 47 -15.46 -22.35 0.47
CA GLY A 47 -14.66 -23.56 0.28
C GLY A 47 -14.02 -23.59 -1.11
N LEU A 48 -14.79 -23.16 -2.10
CA LEU A 48 -14.34 -23.12 -3.49
C LEU A 48 -13.20 -22.12 -3.65
N LEU A 49 -13.31 -20.97 -2.99
CA LEU A 49 -12.32 -19.90 -3.10
C LEU A 49 -10.99 -20.23 -2.45
N THR A 50 -11.04 -20.93 -1.33
CA THR A 50 -9.85 -21.20 -0.53
C THR A 50 -9.20 -22.50 -1.00
N ASN A 51 -9.98 -23.38 -1.63
CA ASN A 51 -9.45 -24.54 -2.31
C ASN A 51 -8.59 -24.12 -3.50
N LEU A 52 -9.06 -23.12 -4.25
CA LEU A 52 -8.33 -22.61 -5.40
C LEU A 52 -7.09 -21.85 -4.93
N ALA A 53 -7.27 -20.97 -3.96
CA ALA A 53 -6.17 -20.24 -3.31
C ALA A 53 -5.05 -21.15 -2.87
N ASP A 54 -5.39 -22.22 -2.16
CA ASP A 54 -4.41 -23.21 -1.69
C ASP A 54 -3.63 -23.80 -2.88
N ARG A 55 -4.35 -24.13 -3.95
CA ARG A 55 -3.70 -24.70 -5.13
C ARG A 55 -2.84 -23.67 -5.85
N GLU A 56 -3.35 -22.45 -5.98
CA GLU A 56 -2.59 -21.35 -6.56
C GLU A 56 -1.32 -21.06 -5.77
N LEU A 57 -1.39 -21.26 -4.46
CA LEU A 57 -0.27 -20.95 -3.59
C LEU A 57 0.95 -21.81 -3.89
N VAL A 58 0.72 -23.11 -4.10
CA VAL A 58 1.85 -24.00 -4.41
C VAL A 58 2.52 -23.67 -5.76
N HIS A 59 1.73 -23.20 -6.74
CA HIS A 59 2.27 -22.73 -8.03
C HIS A 59 3.00 -21.39 -7.91
N MET A 60 2.52 -20.53 -7.03
CA MET A 60 3.15 -19.24 -6.78
C MET A 60 4.56 -19.39 -6.18
N ILE A 61 4.71 -20.34 -5.27
CA ILE A 61 6.00 -20.64 -4.66
C ILE A 61 7.02 -21.08 -5.72
N ASN A 62 6.60 -21.93 -6.65
CA ASN A 62 7.45 -22.29 -7.78
C ASN A 62 7.64 -21.17 -8.80
N TRP A 63 6.70 -20.23 -8.87
CA TRP A 63 6.90 -19.06 -9.69
C TRP A 63 7.95 -18.13 -9.07
N ALA A 64 7.85 -17.86 -7.78
CA ALA A 64 8.77 -16.94 -7.12
C ALA A 64 10.22 -17.37 -7.33
N LYS A 65 10.45 -18.68 -7.21
CA LYS A 65 11.77 -19.25 -7.39
C LYS A 65 12.31 -18.94 -8.79
N ARG A 66 11.40 -18.66 -9.72
CA ARG A 66 11.78 -18.32 -11.09
C ARG A 66 11.92 -16.81 -11.31
N VAL A 67 11.62 -16.01 -10.29
CA VAL A 67 11.77 -14.55 -10.38
C VAL A 67 13.24 -14.17 -10.20
N PRO A 68 13.86 -13.64 -11.26
CA PRO A 68 15.30 -13.40 -11.25
C PRO A 68 15.73 -12.60 -10.03
N GLY A 69 16.73 -13.12 -9.32
CA GLY A 69 17.21 -12.49 -8.10
C GLY A 69 16.68 -13.12 -6.83
N PHE A 70 15.60 -13.87 -6.95
CA PHE A 70 14.91 -14.44 -5.79
C PHE A 70 15.68 -15.57 -5.09
N VAL A 71 16.20 -16.53 -5.86
CA VAL A 71 16.90 -17.65 -5.25
C VAL A 71 18.25 -17.24 -4.68
N ASP A 72 18.66 -16.00 -4.95
CA ASP A 72 19.88 -15.45 -4.34
C ASP A 72 19.66 -15.13 -2.86
N LEU A 73 18.40 -14.86 -2.49
CA LEU A 73 18.04 -14.59 -1.10
C LEU A 73 18.17 -15.81 -0.21
N THR A 74 18.52 -15.57 1.05
CA THR A 74 18.41 -16.59 2.09
C THR A 74 17.01 -17.22 2.04
N LEU A 75 16.94 -18.49 2.47
CA LEU A 75 15.67 -19.19 2.53
C LEU A 75 14.70 -18.50 3.49
N HIS A 76 15.24 -18.01 4.61
CA HIS A 76 14.50 -17.20 5.59
C HIS A 76 13.92 -15.94 4.96
N ASP A 77 14.71 -15.28 4.12
CA ASP A 77 14.26 -14.09 3.41
C ASP A 77 13.19 -14.39 2.36
N GLN A 78 13.29 -15.57 1.74
CA GLN A 78 12.32 -15.97 0.73
C GLN A 78 10.98 -16.26 1.38
N VAL A 79 11.05 -16.92 2.54
CA VAL A 79 9.88 -17.24 3.35
C VAL A 79 9.13 -15.98 3.78
N HIS A 80 9.86 -15.03 4.35
CA HIS A 80 9.27 -13.77 4.82
C HIS A 80 8.63 -12.98 3.67
N LEU A 81 9.30 -12.90 2.54
CA LEU A 81 8.74 -12.19 1.39
C LEU A 81 7.44 -12.81 0.87
N LEU A 82 7.38 -14.14 0.84
CA LEU A 82 6.16 -14.82 0.39
C LEU A 82 5.03 -14.77 1.41
N GLU A 83 5.37 -14.87 2.69
CA GLU A 83 4.40 -14.62 3.76
C GLU A 83 3.80 -13.22 3.68
N CME A 84 4.63 -12.22 3.43
CA CME A 84 4.14 -10.86 3.33
CB CME A 84 5.26 -9.83 3.23
SG CME A 84 6.00 -9.75 4.82
SD CME A 84 4.97 -9.17 6.46
CE CME A 84 3.37 -9.64 7.07
CZ CME A 84 3.06 -8.93 8.40
OH CME A 84 1.84 -8.14 8.32
C CME A 84 3.26 -10.67 2.13
O CME A 84 2.21 -10.05 2.23
N ALA A 85 3.66 -11.25 1.00
CA ALA A 85 3.13 -10.88 -0.31
C ALA A 85 2.04 -11.78 -0.92
N TRP A 86 1.87 -12.98 -0.38
CA TRP A 86 1.01 -13.96 -1.05
C TRP A 86 -0.40 -13.51 -1.48
N LEU A 87 -1.13 -12.79 -0.60
CA LEU A 87 -2.51 -12.44 -0.92
C LEU A 87 -2.56 -11.31 -1.95
N GLU A 88 -1.64 -10.35 -1.82
CA GLU A 88 -1.36 -9.36 -2.88
C GLU A 88 -1.09 -9.97 -4.24
N ILE A 89 -0.21 -10.97 -4.30
CA ILE A 89 0.08 -11.68 -5.54
C ILE A 89 -1.16 -12.38 -6.10
N LEU A 90 -1.96 -12.99 -5.21
CA LEU A 90 -3.23 -13.64 -5.60
C LEU A 90 -4.19 -12.62 -6.21
N MET A 91 -4.36 -11.50 -5.51
CA MET A 91 -5.25 -10.44 -5.96
C MET A 91 -4.85 -9.74 -7.25
N ILE A 92 -3.58 -9.38 -7.41
CA ILE A 92 -3.09 -8.79 -8.68
C ILE A 92 -3.33 -9.78 -9.83
N GLY A 93 -3.17 -11.07 -9.56
CA GLY A 93 -3.49 -12.11 -10.55
C GLY A 93 -4.97 -12.11 -10.91
N LEU A 94 -5.82 -12.08 -9.89
CA LEU A 94 -7.27 -12.12 -10.10
C LEU A 94 -7.74 -10.91 -10.91
N VAL A 95 -7.34 -9.74 -10.43
CA VAL A 95 -7.58 -8.48 -11.10
C VAL A 95 -7.16 -8.53 -12.58
N TRP A 96 -5.94 -8.99 -12.86
CA TRP A 96 -5.49 -9.11 -14.26
C TRP A 96 -6.33 -10.09 -15.13
N ARG A 97 -6.65 -11.25 -14.57
CA ARG A 97 -7.54 -12.23 -15.20
C ARG A 97 -8.89 -11.60 -15.60
N SER A 98 -9.39 -10.72 -14.75
CA SER A 98 -10.76 -10.22 -14.84
C SER A 98 -10.86 -8.92 -15.64
N MET A 99 -9.74 -8.48 -16.20
CA MET A 99 -9.65 -7.17 -16.86
C MET A 99 -10.64 -6.98 -17.98
N GLU A 100 -10.78 -8.01 -18.81
CA GLU A 100 -11.70 -7.95 -19.93
C GLU A 100 -13.06 -8.61 -19.68
N HIS A 101 -13.40 -8.81 -18.41
CA HIS A 101 -14.77 -9.15 -18.02
C HIS A 101 -15.31 -8.09 -17.07
N PRO A 102 -15.68 -6.93 -17.62
CA PRO A 102 -16.18 -5.85 -16.77
C PRO A 102 -17.27 -6.35 -15.84
N GLY A 103 -17.13 -6.04 -14.55
CA GLY A 103 -18.17 -6.32 -13.56
C GLY A 103 -18.07 -7.70 -12.94
N LYS A 104 -17.07 -8.47 -13.36
CA LYS A 104 -16.95 -9.84 -12.93
C LYS A 104 -15.55 -10.13 -12.44
N LEU A 105 -15.45 -11.07 -11.51
CA LEU A 105 -14.16 -11.56 -11.06
C LEU A 105 -13.93 -12.98 -11.59
N LEU A 106 -12.90 -13.16 -12.43
CA LEU A 106 -12.61 -14.48 -13.01
C LEU A 106 -11.64 -15.25 -12.10
N PHE A 107 -12.22 -15.92 -11.11
CA PHE A 107 -11.43 -16.70 -10.18
C PHE A 107 -10.82 -17.89 -10.89
N ALA A 108 -11.55 -18.46 -11.85
CA ALA A 108 -11.03 -19.52 -12.70
C ALA A 108 -11.88 -19.52 -13.96
N PRO A 109 -11.34 -20.05 -15.08
CA PRO A 109 -12.11 -20.05 -16.32
C PRO A 109 -13.56 -20.46 -16.08
N ASN A 110 -13.76 -21.40 -15.16
CA ASN A 110 -15.10 -21.93 -14.86
C ASN A 110 -15.70 -21.37 -13.56
N LEU A 111 -15.06 -20.34 -13.01
CA LEU A 111 -15.61 -19.62 -11.85
C LEU A 111 -15.49 -18.12 -12.08
N LEU A 112 -16.51 -17.59 -12.73
CA LEU A 112 -16.63 -16.18 -13.09
C LEU A 112 -17.76 -15.57 -12.26
N LEU A 113 -17.41 -14.82 -11.23
CA LEU A 113 -18.37 -14.36 -10.24
C LEU A 113 -18.76 -12.90 -10.39
N ASP A 114 -20.05 -12.65 -10.33
CA ASP A 114 -20.60 -11.31 -10.42
C ASP A 114 -20.46 -10.61 -9.09
N ARG A 115 -20.29 -9.30 -9.15
CA ARG A 115 -20.32 -8.43 -7.98
C ARG A 115 -21.36 -8.86 -6.94
N ASN A 116 -22.59 -9.13 -7.40
CA ASN A 116 -23.69 -9.56 -6.54
C ASN A 116 -23.53 -10.93 -5.84
N GLN A 117 -22.75 -11.82 -6.44
CA GLN A 117 -22.54 -13.13 -5.86
C GLN A 117 -21.60 -13.03 -4.67
N GLY A 118 -20.84 -11.95 -4.59
CA GLY A 118 -19.97 -11.70 -3.45
C GLY A 118 -20.74 -11.48 -2.16
N LYS A 119 -22.02 -11.16 -2.29
CA LYS A 119 -22.88 -10.98 -1.13
C LYS A 119 -23.28 -12.33 -0.53
N CME A 120 -22.89 -13.41 -1.22
CA CME A 120 -23.05 -14.78 -0.71
CB CME A 120 -22.50 -15.80 -1.71
SG CME A 120 -23.63 -16.30 -2.98
SD CME A 120 -25.59 -15.86 -3.11
CE CME A 120 -26.92 -16.56 -2.20
CZ CME A 120 -28.06 -16.88 -3.17
OH CME A 120 -29.34 -16.58 -2.59
C CME A 120 -22.25 -14.96 0.55
O CME A 120 -22.70 -15.61 1.49
N VAL A 121 -21.04 -14.41 0.55
CA VAL A 121 -20.19 -14.42 1.74
C VAL A 121 -20.33 -13.10 2.49
N GLU A 122 -20.46 -13.18 3.81
CA GLU A 122 -20.57 -11.97 4.63
C GLU A 122 -19.26 -11.19 4.58
N GLY A 123 -19.37 -9.87 4.45
CA GLY A 123 -18.20 -8.99 4.42
C GLY A 123 -17.42 -9.03 3.11
N MET A 124 -17.78 -9.97 2.24
CA MET A 124 -17.07 -10.22 1.00
C MET A 124 -17.29 -9.13 -0.05
N VAL A 125 -18.49 -8.58 -0.13
CA VAL A 125 -18.81 -7.67 -1.23
C VAL A 125 -17.98 -6.38 -1.28
N GLU A 126 -17.61 -5.82 -0.13
CA GLU A 126 -16.79 -4.61 -0.13
C GLU A 126 -15.40 -4.89 -0.70
N ILE A 127 -14.93 -6.11 -0.49
CA ILE A 127 -13.66 -6.54 -1.06
C ILE A 127 -13.80 -6.81 -2.56
N PHE A 128 -14.84 -7.54 -2.95
CA PHE A 128 -15.17 -7.69 -4.37
C PHE A 128 -15.12 -6.37 -5.10
N ASP A 129 -15.78 -5.36 -4.53
CA ASP A 129 -15.85 -4.02 -5.13
C ASP A 129 -14.48 -3.37 -5.35
N MET A 130 -13.58 -3.53 -4.37
CA MET A 130 -12.24 -3.01 -4.50
C MET A 130 -11.47 -3.73 -5.58
N LEU A 131 -11.65 -5.04 -5.65
CA LEU A 131 -11.01 -5.83 -6.68
C LEU A 131 -11.49 -5.42 -8.06
N LEU A 132 -12.81 -5.24 -8.20
CA LEU A 132 -13.44 -4.85 -9.46
C LEU A 132 -12.98 -3.44 -9.90
N ALA A 133 -12.88 -2.53 -8.94
CA ALA A 133 -12.41 -1.18 -9.23
C ALA A 133 -10.94 -1.18 -9.68
N THR A 134 -10.13 -2.02 -9.05
CA THR A 134 -8.74 -2.17 -9.48
C THR A 134 -8.71 -2.70 -10.91
N SER A 135 -9.55 -3.70 -11.15
CA SER A 135 -9.66 -4.32 -12.47
C SER A 135 -10.07 -3.28 -13.52
N SER A 136 -11.00 -2.40 -13.17
CA SER A 136 -11.39 -1.26 -13.99
C SER A 136 -10.26 -0.31 -14.27
N ARG A 137 -9.41 -0.09 -13.27
CA ARG A 137 -8.28 0.83 -13.42
C ARG A 137 -7.30 0.27 -14.47
N PHE A 138 -6.98 -1.00 -14.32
CA PHE A 138 -6.15 -1.76 -15.28
C PHE A 138 -6.64 -1.64 -16.70
N ARG A 139 -7.93 -1.87 -16.89
CA ARG A 139 -8.59 -1.82 -18.19
C ARG A 139 -8.53 -0.41 -18.79
N MET A 140 -8.80 0.60 -17.96
CA MET A 140 -8.72 1.99 -18.36
C MET A 140 -7.32 2.39 -18.86
N MET A 141 -6.29 1.95 -18.13
CA MET A 141 -4.90 2.18 -18.53
C MET A 141 -4.44 1.26 -19.64
N ASN A 142 -5.25 0.25 -19.97
CA ASN A 142 -4.84 -0.75 -20.96
C ASN A 142 -3.56 -1.46 -20.52
N LEU A 143 -3.53 -1.92 -19.27
CA LEU A 143 -2.39 -2.66 -18.77
C LEU A 143 -1.98 -3.80 -19.72
N GLN A 144 -0.70 -3.86 -20.08
CA GLN A 144 -0.18 -4.93 -20.94
C GLN A 144 0.36 -6.11 -20.14
N GLY A 145 0.36 -7.30 -20.74
CA GLY A 145 0.88 -8.50 -20.10
C GLY A 145 2.33 -8.35 -19.64
N GLU A 146 3.16 -7.71 -20.44
CA GLU A 146 4.54 -7.47 -20.07
C GLU A 146 4.68 -6.58 -18.83
N GLU A 147 3.75 -5.64 -18.67
CA GLU A 147 3.79 -4.75 -17.51
C GLU A 147 3.30 -5.49 -16.27
N PHE A 148 2.21 -6.24 -16.48
CA PHE A 148 1.64 -7.02 -15.41
C PHE A 148 2.68 -7.87 -14.68
N VAL A 149 3.46 -8.65 -15.44
CA VAL A 149 4.47 -9.55 -14.88
C VAL A 149 5.54 -8.76 -14.12
N CYS A 150 5.85 -7.55 -14.58
CA CYS A 150 6.74 -6.67 -13.81
C CYS A 150 6.12 -6.26 -12.48
N LEU A 151 4.86 -5.84 -12.49
CA LEU A 151 4.20 -5.39 -11.28
C LEU A 151 4.16 -6.49 -10.24
N LYS A 152 3.81 -7.69 -10.71
CA LYS A 152 3.73 -8.84 -9.84
C LYS A 152 5.07 -9.16 -9.16
N SER A 153 6.17 -9.07 -9.92
CA SER A 153 7.50 -9.33 -9.37
C SER A 153 7.88 -8.28 -8.35
N ILE A 154 7.49 -7.05 -8.64
CA ILE A 154 7.74 -5.92 -7.78
C ILE A 154 7.02 -6.10 -6.44
N ILE A 155 5.82 -6.66 -6.47
CA ILE A 155 5.08 -6.91 -5.23
C ILE A 155 5.77 -7.97 -4.38
N LEU A 156 6.22 -9.04 -5.03
CA LEU A 156 6.99 -10.08 -4.34
C LEU A 156 8.16 -9.47 -3.59
N LEU A 157 8.97 -8.69 -4.29
CA LEU A 157 10.23 -8.18 -3.70
C LEU A 157 10.02 -6.97 -2.79
N ASN A 158 9.00 -6.17 -3.08
CA ASN A 158 8.79 -4.94 -2.34
C ASN A 158 8.05 -5.07 -1.02
N SER A 159 7.09 -5.99 -0.95
CA SER A 159 6.13 -5.94 0.16
C SER A 159 6.70 -6.27 1.54
N GLY A 160 7.75 -7.09 1.60
CA GLY A 160 8.35 -7.45 2.87
C GLY A 160 9.74 -6.90 3.09
N VAL A 161 10.28 -6.20 2.10
CA VAL A 161 11.67 -5.72 2.12
C VAL A 161 12.02 -4.90 3.37
N TYR A 162 11.07 -4.07 3.82
CA TYR A 162 11.34 -3.18 4.95
C TYR A 162 11.08 -3.77 6.33
N THR A 163 10.51 -4.97 6.37
CA THR A 163 10.25 -5.66 7.63
C THR A 163 11.27 -6.77 7.91
N PHE A 164 12.49 -6.60 7.41
CA PHE A 164 13.59 -7.51 7.72
C PHE A 164 14.26 -7.13 9.04
N LEU A 172 24.98 -7.78 6.59
CA LEU A 172 24.20 -8.47 5.57
C LEU A 172 23.08 -7.59 5.02
N GLU A 173 23.45 -6.62 4.18
CA GLU A 173 22.48 -5.71 3.58
C GLU A 173 22.05 -6.24 2.23
N GLU A 174 21.13 -7.20 2.26
CA GLU A 174 20.62 -7.81 1.06
C GLU A 174 19.36 -7.10 0.67
N LYS A 175 18.90 -6.25 1.58
CA LYS A 175 17.93 -5.23 1.26
C LYS A 175 18.47 -4.52 0.02
N ASP A 176 19.78 -4.32 -0.01
CA ASP A 176 20.43 -3.68 -1.14
C ASP A 176 20.39 -4.52 -2.41
N HIS A 177 20.54 -5.83 -2.29
CA HIS A 177 20.41 -6.68 -3.46
C HIS A 177 18.97 -6.65 -3.96
N ILE A 178 18.02 -6.74 -3.03
CA ILE A 178 16.61 -6.66 -3.40
C ILE A 178 16.32 -5.32 -4.10
N HIS A 179 16.91 -4.25 -3.57
CA HIS A 179 16.72 -2.93 -4.16
C HIS A 179 17.37 -2.81 -5.52
N ARG A 180 18.50 -3.48 -5.72
CA ARG A 180 19.16 -3.51 -7.01
C ARG A 180 18.30 -4.17 -8.07
N VAL A 181 17.71 -5.33 -7.76
CA VAL A 181 16.84 -5.99 -8.72
C VAL A 181 15.49 -5.29 -8.94
N LEU A 182 14.99 -4.64 -7.89
CA LEU A 182 13.79 -3.82 -8.02
C LEU A 182 14.07 -2.72 -9.04
N ASP A 183 15.31 -2.19 -9.02
CA ASP A 183 15.76 -1.17 -9.98
C ASP A 183 15.78 -1.71 -11.42
N LYS A 184 16.27 -2.93 -11.60
CA LYS A 184 16.19 -3.64 -12.88
C LYS A 184 14.75 -3.80 -13.40
N ILE A 185 13.81 -4.11 -12.52
CA ILE A 185 12.41 -4.22 -12.96
C ILE A 185 11.83 -2.83 -13.28
N THR A 186 12.25 -1.78 -12.58
CA THR A 186 11.84 -0.43 -13.00
C THR A 186 12.32 -0.10 -14.43
N ASP A 187 13.60 -0.35 -14.68
CA ASP A 187 14.16 -0.18 -16.02
C ASP A 187 13.39 -0.98 -17.06
N THR A 188 13.07 -2.23 -16.71
CA THR A 188 12.28 -3.09 -17.58
C THR A 188 10.94 -2.42 -17.89
N LEU A 189 10.24 -1.96 -16.86
CA LEU A 189 8.94 -1.31 -17.06
C LEU A 189 9.01 -0.14 -18.03
N ILE A 190 9.98 0.74 -17.81
CA ILE A 190 10.10 1.91 -18.66
C ILE A 190 10.59 1.57 -20.08
N HIS A 191 11.44 0.55 -20.20
CA HIS A 191 11.83 0.04 -21.49
C HIS A 191 10.61 -0.36 -22.31
N LEU A 192 9.67 -1.08 -21.67
CA LEU A 192 8.41 -1.44 -22.30
C LEU A 192 7.61 -0.20 -22.68
N MET A 193 7.71 0.85 -21.89
CA MET A 193 6.97 2.05 -22.22
C MET A 193 7.63 2.85 -23.34
N ALA A 194 8.96 2.91 -23.34
CA ALA A 194 9.69 3.56 -24.42
C ALA A 194 9.38 2.82 -25.71
N LYS A 195 9.45 1.49 -25.63
CA LYS A 195 9.12 0.58 -26.74
C LYS A 195 7.71 0.78 -27.30
N ALA A 196 6.75 1.10 -26.44
CA ALA A 196 5.38 1.33 -26.91
C ALA A 196 5.19 2.71 -27.54
N GLY A 197 6.29 3.48 -27.64
CA GLY A 197 6.22 4.82 -28.24
C GLY A 197 5.90 5.96 -27.29
N LEU A 198 5.96 5.73 -25.99
CA LEU A 198 5.64 6.81 -25.06
C LEU A 198 6.75 7.85 -25.00
N THR A 199 6.39 9.13 -24.81
CA THR A 199 7.39 10.15 -24.57
C THR A 199 7.94 9.95 -23.17
N LEU A 200 9.08 10.58 -22.89
CA LEU A 200 9.67 10.53 -21.55
C LEU A 200 8.64 10.92 -20.50
N GLN A 201 7.97 12.04 -20.72
CA GLN A 201 6.99 12.50 -19.74
C GLN A 201 5.88 11.47 -19.47
N GLN A 202 5.35 10.85 -20.53
CA GLN A 202 4.33 9.79 -20.41
C GLN A 202 4.85 8.51 -19.76
N GLN A 203 6.10 8.15 -20.04
CA GLN A 203 6.71 7.00 -19.38
C GLN A 203 6.73 7.22 -17.86
N HIS A 204 7.22 8.37 -17.44
CA HIS A 204 7.34 8.62 -16.00
C HIS A 204 6.00 8.78 -15.28
N GLN A 205 5.02 9.40 -15.96
CA GLN A 205 3.64 9.45 -15.46
C GLN A 205 2.96 8.09 -15.33
N ARG A 206 3.09 7.26 -16.37
CA ARG A 206 2.53 5.91 -16.41
C ARG A 206 3.18 4.96 -15.38
N LEU A 207 4.50 5.02 -15.27
CA LEU A 207 5.19 4.30 -14.20
C LEU A 207 4.59 4.66 -12.82
N ALA A 208 4.39 5.94 -12.56
CA ALA A 208 3.83 6.38 -11.28
C ALA A 208 2.42 5.87 -11.07
N GLN A 209 1.61 5.91 -12.13
CA GLN A 209 0.26 5.35 -12.09
C GLN A 209 0.27 3.88 -11.70
N LEU A 210 1.15 3.10 -12.31
CA LEU A 210 1.11 1.67 -12.07
C LEU A 210 1.51 1.35 -10.65
N LEU A 211 2.46 2.11 -10.14
CA LEU A 211 3.03 1.91 -8.83
C LEU A 211 2.10 2.39 -7.71
N LEU A 212 1.28 3.39 -7.99
CA LEU A 212 0.35 3.86 -6.97
C LEU A 212 -0.82 2.90 -6.77
N ILE A 213 -1.06 2.04 -7.75
CA ILE A 213 -2.09 1.02 -7.62
C ILE A 213 -1.64 -0.08 -6.67
N LEU A 214 -0.35 -0.41 -6.68
CA LEU A 214 0.22 -1.33 -5.66
C LEU A 214 -0.11 -0.89 -4.23
N SER A 215 -0.25 0.41 -4.01
CA SER A 215 -0.68 0.90 -2.70
C SER A 215 -2.10 0.40 -2.38
N HIS A 216 -2.92 0.29 -3.42
CA HIS A 216 -4.33 -0.07 -3.26
C HIS A 216 -4.45 -1.58 -3.17
N ILE A 217 -3.59 -2.29 -3.91
CA ILE A 217 -3.48 -3.73 -3.79
C ILE A 217 -3.05 -4.12 -2.39
N ARG A 218 -2.10 -3.38 -1.83
CA ARG A 218 -1.69 -3.62 -0.44
C ARG A 218 -2.87 -3.37 0.52
N HIS A 219 -3.60 -2.28 0.31
CA HIS A 219 -4.82 -2.04 1.09
C HIS A 219 -5.82 -3.21 1.06
N MET A 220 -6.09 -3.74 -0.13
CA MET A 220 -7.02 -4.85 -0.31
C MET A 220 -6.55 -6.15 0.37
N SER A 221 -5.26 -6.43 0.24
CA SER A 221 -4.69 -7.59 0.95
C SER A 221 -4.81 -7.46 2.48
N ASN A 222 -4.49 -6.30 3.02
CA ASN A 222 -4.67 -6.05 4.44
C ASN A 222 -6.11 -6.34 4.89
N LYS A 223 -7.09 -5.84 4.12
CA LYS A 223 -8.50 -6.10 4.41
C LYS A 223 -8.89 -7.58 4.23
N GLY A 224 -8.41 -8.18 3.14
CA GLY A 224 -8.69 -9.60 2.84
C GLY A 224 -8.17 -10.52 3.93
N MET A 225 -6.97 -10.22 4.43
CA MET A 225 -6.38 -10.99 5.51
C MET A 225 -7.26 -10.99 6.75
N GLU A 226 -7.85 -9.83 7.04
CA GLU A 226 -8.75 -9.68 8.17
C GLU A 226 -10.04 -10.48 7.97
N HIS A 227 -10.55 -10.49 6.74
CA HIS A 227 -11.76 -11.25 6.40
C HIS A 227 -11.45 -12.73 6.47
N LEU A 228 -10.38 -13.14 5.79
CA LEU A 228 -9.95 -14.53 5.86
C LEU A 228 -9.84 -14.99 7.30
N TYR A 229 -9.33 -14.11 8.16
CA TYR A 229 -9.15 -14.44 9.56
C TYR A 229 -10.48 -14.57 10.31
N SER A 230 -11.48 -13.79 9.90
CA SER A 230 -12.80 -13.87 10.52
C SER A 230 -13.48 -15.20 10.19
N MET A 231 -13.25 -15.69 8.97
CA MET A 231 -13.83 -16.95 8.51
C MET A 231 -13.11 -18.13 9.16
N LYS A 232 -11.84 -17.94 9.47
CA LYS A 232 -11.04 -18.94 10.16
C LYS A 232 -11.58 -19.14 11.58
N CME A 233 -11.79 -18.03 12.28
CA CME A 233 -12.28 -18.05 13.66
CB CME A 233 -12.30 -16.64 14.25
SG CME A 233 -10.65 -16.04 14.46
SD CME A 233 -9.51 -16.55 16.02
CE CME A 233 -8.35 -17.87 16.05
CZ CME A 233 -8.86 -18.97 16.97
OH CME A 233 -8.00 -19.03 18.11
C CME A 233 -13.67 -18.63 13.76
O CME A 233 -13.96 -19.39 14.67
N LYS A 234 -14.55 -18.23 12.84
CA LYS A 234 -15.94 -18.68 12.86
C LYS A 234 -16.10 -20.07 12.25
N ASN A 235 -14.98 -20.66 11.87
CA ASN A 235 -14.95 -22.01 11.30
C ASN A 235 -16.04 -22.27 10.25
N VAL A 236 -16.31 -21.28 9.42
CA VAL A 236 -17.30 -21.45 8.35
C VAL A 236 -16.74 -22.40 7.28
N VAL A 237 -15.43 -22.33 7.07
CA VAL A 237 -14.76 -23.19 6.11
C VAL A 237 -13.46 -23.74 6.72
N PRO A 238 -13.08 -24.98 6.36
CA PRO A 238 -11.77 -25.48 6.76
C PRO A 238 -10.69 -25.02 5.78
N LEU A 239 -9.61 -24.47 6.31
CA LEU A 239 -8.52 -23.98 5.46
C LEU A 239 -7.37 -24.98 5.47
N SER A 240 -6.70 -25.14 4.34
CA SER A 240 -5.55 -26.06 4.27
C SER A 240 -4.47 -25.65 5.26
N ASP A 241 -3.51 -26.54 5.49
CA ASP A 241 -2.42 -26.26 6.41
C ASP A 241 -1.58 -25.11 5.92
N LEU A 242 -1.37 -25.05 4.61
CA LEU A 242 -0.58 -24.00 4.01
C LEU A 242 -1.27 -22.66 4.21
N LEU A 243 -2.58 -22.64 4.06
CA LEU A 243 -3.32 -21.39 4.22
C LEU A 243 -3.28 -20.90 5.65
N LEU A 244 -3.55 -21.80 6.59
CA LEU A 244 -3.44 -21.49 8.00
C LEU A 244 -2.11 -20.82 8.32
N GLU A 245 -1.01 -21.49 7.99
CA GLU A 245 0.32 -20.97 8.29
C GLU A 245 0.56 -19.66 7.55
N MET A 246 0.04 -19.57 6.33
CA MET A 246 0.18 -18.39 5.51
C MET A 246 -0.53 -17.21 6.19
N LEU A 247 -1.68 -17.51 6.78
CA LEU A 247 -2.49 -16.53 7.49
C LEU A 247 -1.91 -16.19 8.87
N ASP A 248 -1.29 -17.17 9.53
CA ASP A 248 -0.65 -16.93 10.81
C ASP A 248 0.54 -15.98 10.79
N ALA A 249 1.20 -15.88 9.64
CA ALA A 249 2.36 -15.01 9.51
C ALA A 249 2.00 -13.53 9.65
N HIS A 250 0.74 -13.19 9.43
CA HIS A 250 0.30 -11.80 9.50
C HIS A 250 -0.18 -11.35 10.88
N ARG A 251 -0.03 -12.23 11.87
CA ARG A 251 -0.27 -11.81 13.23
C ARG A 251 0.68 -12.52 14.20
N ASN B 7 -12.27 24.14 -15.15
CA ASN B 7 -10.77 24.15 -15.22
C ASN B 7 -10.14 24.13 -13.83
N SER B 8 -8.81 24.17 -13.78
CA SER B 8 -8.09 24.11 -12.51
C SER B 8 -6.73 24.81 -12.55
N LEU B 9 -6.54 25.77 -11.64
CA LEU B 9 -5.29 26.50 -11.53
C LEU B 9 -4.13 25.58 -11.14
N ALA B 10 -4.43 24.30 -10.98
CA ALA B 10 -3.41 23.34 -10.61
C ALA B 10 -2.74 22.79 -11.86
N LEU B 11 -3.53 22.61 -12.90
CA LEU B 11 -3.08 21.96 -14.14
C LEU B 11 -2.14 22.83 -14.96
N SER B 12 -2.14 24.13 -14.68
CA SER B 12 -1.28 25.06 -15.41
C SER B 12 -0.15 25.63 -14.53
N LEU B 13 -0.10 25.21 -13.27
CA LEU B 13 1.04 25.55 -12.41
C LEU B 13 2.29 24.94 -13.00
N THR B 14 3.42 25.63 -12.87
CA THR B 14 4.69 25.04 -13.24
C THR B 14 5.16 24.14 -12.10
N ALA B 15 6.22 23.37 -12.34
CA ALA B 15 6.79 22.52 -11.31
C ALA B 15 7.21 23.35 -10.11
N ASP B 16 7.93 24.43 -10.37
CA ASP B 16 8.45 25.29 -9.31
C ASP B 16 7.36 25.98 -8.48
N GLN B 17 6.26 26.33 -9.14
CA GLN B 17 5.07 26.87 -8.45
C GLN B 17 4.32 25.78 -7.67
N MET B 18 4.43 24.52 -8.11
CA MET B 18 3.82 23.41 -7.39
C MET B 18 4.51 23.20 -6.05
N VAL B 19 5.83 23.13 -6.09
CA VAL B 19 6.67 22.93 -4.91
C VAL B 19 6.44 24.07 -3.92
N SER B 20 6.52 25.28 -4.43
CA SER B 20 6.38 26.48 -3.64
C SER B 20 5.02 26.53 -2.94
N ALA B 21 3.96 26.30 -3.71
CA ALA B 21 2.62 26.18 -3.13
C ALA B 21 2.57 25.17 -1.98
N LEU B 22 3.13 23.98 -2.19
CA LEU B 22 3.08 22.89 -1.20
C LEU B 22 3.99 23.11 0.00
N LEU B 23 5.10 23.80 -0.20
CA LEU B 23 5.99 24.13 0.90
C LEU B 23 5.34 25.12 1.86
N ASP B 24 4.59 26.08 1.32
CA ASP B 24 4.00 27.11 2.17
C ASP B 24 2.73 26.64 2.87
N ALA B 25 2.11 25.59 2.32
CA ALA B 25 0.94 24.97 2.93
C ALA B 25 1.27 24.10 4.16
N GLU B 26 2.55 23.79 4.35
CA GLU B 26 2.96 22.91 5.44
C GLU B 26 2.35 23.29 6.78
N PRO B 27 1.81 22.29 7.51
CA PRO B 27 1.30 22.57 8.84
C PRO B 27 2.44 22.74 9.83
N PRO B 28 2.19 23.47 10.93
CA PRO B 28 3.20 23.72 11.96
C PRO B 28 3.53 22.47 12.76
N ILE B 29 4.61 22.54 13.52
CA ILE B 29 4.96 21.51 14.47
C ILE B 29 4.21 21.80 15.77
N LEU B 30 3.47 20.83 16.26
CA LEU B 30 2.69 21.02 17.47
C LEU B 30 3.39 20.41 18.67
N TYR B 31 3.00 20.84 19.86
CA TYR B 31 3.55 20.25 21.07
C TYR B 31 2.59 19.26 21.70
N SER B 32 3.18 18.29 22.38
CA SER B 32 2.41 17.35 23.16
C SER B 32 2.00 18.04 24.46
N GLU B 33 0.88 17.63 25.05
CA GLU B 33 0.58 18.06 26.40
C GLU B 33 1.16 17.05 27.37
N TYR B 34 2.42 16.69 27.14
CA TYR B 34 3.09 15.66 27.95
C TYR B 34 3.49 16.24 29.30
N ASP B 35 3.05 15.58 30.36
CA ASP B 35 3.47 15.95 31.71
C ASP B 35 4.50 14.95 32.23
N PRO B 36 5.78 15.34 32.22
CA PRO B 36 6.90 14.48 32.57
C PRO B 36 7.05 14.31 34.07
N THR B 37 5.95 14.37 34.81
CA THR B 37 6.02 14.24 36.25
C THR B 37 5.11 13.11 36.75
N ARG B 38 4.47 12.44 35.78
CA ARG B 38 3.76 11.21 36.05
C ARG B 38 4.30 10.10 35.16
N PRO B 39 4.34 8.86 35.68
CA PRO B 39 4.81 7.73 34.86
C PRO B 39 3.86 7.44 33.70
N PHE B 40 4.42 7.03 32.57
CA PHE B 40 3.63 6.58 31.44
C PHE B 40 2.83 5.34 31.80
N SER B 41 1.54 5.33 31.48
CA SER B 41 0.79 4.09 31.44
C SER B 41 0.33 3.86 30.00
N GLU B 42 -0.26 2.71 29.73
CA GLU B 42 -0.82 2.42 28.41
C GLU B 42 -1.85 3.47 28.05
N ALA B 43 -2.74 3.75 29.01
CA ALA B 43 -3.79 4.74 28.85
C ALA B 43 -3.24 6.15 28.70
N SER B 44 -2.26 6.52 29.52
CA SER B 44 -1.73 7.88 29.48
C SER B 44 -0.98 8.18 28.18
N MET B 45 -0.24 7.20 27.67
CA MET B 45 0.48 7.39 26.42
C MET B 45 -0.48 7.42 25.23
N MET B 46 -1.41 6.47 25.17
CA MET B 46 -2.46 6.53 24.15
C MET B 46 -3.21 7.86 24.16
N GLY B 47 -3.46 8.39 25.36
CA GLY B 47 -4.10 9.70 25.51
C GLY B 47 -3.25 10.83 24.95
N LEU B 48 -1.96 10.82 25.25
CA LEU B 48 -1.04 11.79 24.67
C LEU B 48 -1.04 11.72 23.14
N LEU B 49 -0.92 10.50 22.62
CA LEU B 49 -0.86 10.22 21.20
C LEU B 49 -2.11 10.62 20.42
N THR B 50 -3.29 10.26 20.94
CA THR B 50 -4.55 10.62 20.28
C THR B 50 -4.90 12.10 20.50
N ASN B 51 -4.54 12.66 21.65
CA ASN B 51 -4.68 14.11 21.86
C ASN B 51 -3.94 14.92 20.79
N LEU B 52 -2.67 14.59 20.56
CA LEU B 52 -1.87 15.25 19.53
C LEU B 52 -2.40 15.01 18.13
N ALA B 53 -2.79 13.77 17.85
CA ALA B 53 -3.38 13.40 16.54
C ALA B 53 -4.61 14.24 16.21
N ASP B 54 -5.50 14.35 17.19
CA ASP B 54 -6.69 15.19 17.05
C ASP B 54 -6.35 16.64 16.72
N ARG B 55 -5.33 17.20 17.36
CA ARG B 55 -4.93 18.58 17.04
C ARG B 55 -4.27 18.74 15.66
N GLU B 56 -3.44 17.77 15.28
CA GLU B 56 -2.84 17.72 13.94
C GLU B 56 -3.89 17.57 12.86
N LEU B 57 -4.92 16.79 13.14
CA LEU B 57 -6.04 16.61 12.21
C LEU B 57 -6.61 17.94 11.73
N VAL B 58 -6.86 18.84 12.66
CA VAL B 58 -7.40 20.15 12.34
C VAL B 58 -6.47 20.93 11.38
N HIS B 59 -5.17 20.87 11.61
CA HIS B 59 -4.20 21.51 10.70
C HIS B 59 -4.11 20.80 9.36
N MET B 60 -4.33 19.48 9.37
CA MET B 60 -4.31 18.71 8.14
C MET B 60 -5.46 19.10 7.22
N ILE B 61 -6.64 19.31 7.80
CA ILE B 61 -7.81 19.69 7.05
C ILE B 61 -7.51 21.01 6.33
N ASN B 62 -6.92 21.96 7.06
CA ASN B 62 -6.49 23.25 6.50
C ASN B 62 -5.44 23.15 5.41
N TRP B 63 -4.47 22.25 5.61
CA TRP B 63 -3.44 21.98 4.64
C TRP B 63 -3.99 21.35 3.35
N ALA B 64 -4.88 20.38 3.49
CA ALA B 64 -5.46 19.68 2.34
C ALA B 64 -6.10 20.68 1.36
N LYS B 65 -6.78 21.68 1.90
CA LYS B 65 -7.43 22.68 1.04
C LYS B 65 -6.43 23.55 0.29
N ARG B 66 -5.17 23.50 0.72
CA ARG B 66 -4.11 24.28 0.07
C ARG B 66 -3.36 23.41 -0.93
N VAL B 67 -3.75 22.14 -1.01
CA VAL B 67 -3.15 21.25 -2.00
C VAL B 67 -3.78 21.54 -3.35
N PRO B 68 -2.95 21.98 -4.31
CA PRO B 68 -3.43 22.39 -5.63
C PRO B 68 -4.36 21.37 -6.25
N GLY B 69 -5.61 21.76 -6.49
CA GLY B 69 -6.57 20.86 -7.12
C GLY B 69 -7.58 20.30 -6.15
N PHE B 70 -7.23 20.27 -4.87
CA PHE B 70 -8.06 19.62 -3.88
C PHE B 70 -9.39 20.36 -3.68
N VAL B 71 -9.36 21.68 -3.76
CA VAL B 71 -10.59 22.45 -3.50
C VAL B 71 -11.52 22.50 -4.72
N ASP B 72 -11.03 22.02 -5.87
CA ASP B 72 -11.85 21.83 -7.06
C ASP B 72 -12.90 20.76 -6.85
N LEU B 73 -12.55 19.74 -6.08
CA LEU B 73 -13.39 18.57 -5.87
C LEU B 73 -14.64 18.93 -5.10
N THR B 74 -15.61 18.03 -5.09
CA THR B 74 -16.79 18.18 -4.27
C THR B 74 -16.45 17.97 -2.79
N LEU B 75 -17.35 18.38 -1.90
CA LEU B 75 -17.14 18.26 -0.46
C LEU B 75 -17.18 16.80 -0.03
N HIS B 76 -18.06 16.04 -0.66
CA HIS B 76 -18.21 14.62 -0.39
C HIS B 76 -16.97 13.84 -0.81
N ASP B 77 -16.30 14.29 -1.88
CA ASP B 77 -15.05 13.68 -2.35
C ASP B 77 -13.90 14.07 -1.44
N GLN B 78 -13.87 15.33 -1.03
CA GLN B 78 -12.88 15.78 -0.06
C GLN B 78 -12.97 14.99 1.23
N VAL B 79 -14.20 14.77 1.71
CA VAL B 79 -14.40 13.99 2.92
C VAL B 79 -13.84 12.56 2.79
N HIS B 80 -14.24 11.88 1.72
CA HIS B 80 -13.76 10.53 1.41
C HIS B 80 -12.23 10.42 1.41
N LEU B 81 -11.59 11.40 0.80
CA LEU B 81 -10.16 11.40 0.60
C LEU B 81 -9.38 11.52 1.90
N LEU B 82 -9.84 12.42 2.76
CA LEU B 82 -9.19 12.69 4.03
C LEU B 82 -9.49 11.55 4.98
N GLU B 83 -10.73 11.06 4.95
CA GLU B 83 -11.12 9.89 5.74
C GLU B 83 -10.26 8.70 5.42
N CME B 84 -9.91 8.55 4.14
CA CME B 84 -9.05 7.46 3.67
CB CME B 84 -9.19 7.32 2.16
CB CME B 84 -9.21 7.30 2.16
SG CME B 84 -8.26 5.92 1.63
SG CME B 84 -10.63 6.31 1.85
SD CME B 84 -8.75 4.05 2.16
SD CME B 84 -10.49 4.30 1.86
CE CME B 84 -10.30 3.50 2.84
CE CME B 84 -8.97 3.43 2.14
CZ CME B 84 -11.39 4.59 2.72
CZ CME B 84 -8.20 3.95 3.37
OH CME B 84 -11.83 5.00 4.04
OH CME B 84 -6.77 4.05 3.14
C CME B 84 -7.57 7.62 3.99
O CME B 84 -6.91 6.65 4.27
N ALA B 85 -7.06 8.85 3.96
CA ALA B 85 -5.60 9.05 4.01
C ALA B 85 -5.06 9.59 5.33
N TRP B 86 -5.94 10.03 6.22
CA TRP B 86 -5.51 10.80 7.40
C TRP B 86 -4.39 10.15 8.23
N LEU B 87 -4.52 8.87 8.56
CA LEU B 87 -3.51 8.20 9.35
C LEU B 87 -2.22 8.04 8.55
N GLU B 88 -2.34 7.79 7.25
CA GLU B 88 -1.17 7.73 6.35
C GLU B 88 -0.41 9.06 6.34
N ILE B 89 -1.16 10.16 6.23
CA ILE B 89 -0.59 11.48 6.29
C ILE B 89 0.04 11.78 7.65
N LEU B 90 -0.60 11.39 8.75
CA LEU B 90 0.02 11.57 10.07
C LEU B 90 1.33 10.81 10.12
N MET B 91 1.31 9.60 9.58
CA MET B 91 2.47 8.72 9.67
C MET B 91 3.63 9.18 8.81
N ILE B 92 3.36 9.68 7.61
CA ILE B 92 4.47 10.13 6.78
C ILE B 92 5.14 11.38 7.35
N GLY B 93 4.36 12.24 7.99
CA GLY B 93 4.92 13.44 8.65
C GLY B 93 5.82 13.08 9.82
N LEU B 94 5.39 12.08 10.59
CA LEU B 94 6.13 11.63 11.76
C LEU B 94 7.49 11.05 11.36
N VAL B 95 7.46 10.14 10.40
CA VAL B 95 8.66 9.52 9.85
C VAL B 95 9.64 10.58 9.32
N TRP B 96 9.11 11.58 8.61
CA TRP B 96 9.92 12.70 8.12
C TRP B 96 10.50 13.53 9.27
N ARG B 97 9.70 13.78 10.30
CA ARG B 97 10.15 14.51 11.49
C ARG B 97 11.24 13.72 12.19
N SER B 98 11.14 12.41 12.12
CA SER B 98 12.03 11.55 12.90
C SER B 98 13.32 11.19 12.16
N MET B 99 13.46 11.65 10.91
CA MET B 99 14.57 11.21 10.06
C MET B 99 15.94 11.29 10.69
N GLU B 100 16.29 12.44 11.24
CA GLU B 100 17.61 12.58 11.88
C GLU B 100 17.59 12.34 13.39
N HIS B 101 16.66 11.49 13.83
CA HIS B 101 16.70 10.96 15.19
C HIS B 101 16.70 9.45 15.11
N PRO B 102 17.86 8.86 14.77
CA PRO B 102 17.97 7.42 14.61
C PRO B 102 17.48 6.71 15.86
N GLY B 103 16.59 5.74 15.68
CA GLY B 103 16.08 4.91 16.76
C GLY B 103 14.90 5.54 17.47
N LYS B 104 14.52 6.74 17.04
CA LYS B 104 13.45 7.45 17.74
C LYS B 104 12.34 7.96 16.84
N LEU B 105 11.19 8.20 17.45
CA LEU B 105 10.04 8.81 16.77
C LEU B 105 9.70 10.15 17.44
N LEU B 106 9.85 11.24 16.68
CA LEU B 106 9.53 12.57 17.18
C LEU B 106 8.05 12.90 16.93
N PHE B 107 7.19 12.51 17.87
CA PHE B 107 5.76 12.81 17.75
C PHE B 107 5.57 14.30 17.90
N ALA B 108 6.35 14.88 18.81
CA ALA B 108 6.37 16.31 19.08
C ALA B 108 7.76 16.60 19.64
N PRO B 109 8.19 17.87 19.60
CA PRO B 109 9.49 18.23 20.15
C PRO B 109 9.64 17.87 21.64
N ASN B 110 8.52 17.76 22.36
CA ASN B 110 8.56 17.34 23.77
C ASN B 110 8.09 15.91 23.95
N LEU B 111 8.01 15.17 22.86
CA LEU B 111 7.58 13.78 22.87
C LEU B 111 8.41 13.01 21.85
N LEU B 112 9.63 12.65 22.27
CA LEU B 112 10.55 11.91 21.43
C LEU B 112 10.61 10.52 22.07
N LEU B 113 10.09 9.51 21.38
CA LEU B 113 9.98 8.17 21.95
C LEU B 113 10.85 7.13 21.22
N ASP B 114 11.56 6.29 21.97
CA ASP B 114 12.23 5.12 21.39
C ASP B 114 11.30 3.91 21.50
N ARG B 115 11.68 2.81 20.84
CA ARG B 115 10.79 1.65 20.71
C ARG B 115 10.44 0.97 22.04
N ASN B 116 11.37 0.99 22.99
CA ASN B 116 11.11 0.45 24.32
C ASN B 116 10.00 1.18 25.04
N GLN B 117 9.89 2.49 24.82
CA GLN B 117 8.77 3.27 25.33
C GLN B 117 7.45 2.95 24.63
N GLY B 118 7.54 2.41 23.41
CA GLY B 118 6.34 1.98 22.70
C GLY B 118 5.72 0.72 23.28
N LYS B 119 6.52 -0.04 24.02
CA LYS B 119 6.08 -1.30 24.65
C LYS B 119 5.06 -1.08 25.74
N CME B 120 4.93 0.17 26.19
CA CME B 120 3.89 0.60 27.12
CB CME B 120 3.94 2.12 27.25
SG CME B 120 4.55 2.53 28.83
SD CME B 120 6.37 1.90 29.38
CE CME B 120 7.71 2.96 29.85
CZ CME B 120 8.96 2.07 30.07
OH CME B 120 9.24 1.33 28.86
C CME B 120 2.47 0.31 26.69
O CME B 120 1.62 -0.04 27.50
N VAL B 121 2.20 0.49 25.41
CA VAL B 121 0.89 0.16 24.85
C VAL B 121 1.06 -1.20 24.20
N GLU B 122 0.09 -2.09 24.40
CA GLU B 122 0.22 -3.43 23.81
C GLU B 122 -0.13 -3.40 22.31
N GLY B 123 0.65 -4.14 21.52
CA GLY B 123 0.50 -4.14 20.07
C GLY B 123 1.13 -2.95 19.39
N MET B 124 1.61 -1.99 20.18
CA MET B 124 2.21 -0.77 19.64
C MET B 124 3.58 -0.97 19.00
N VAL B 125 4.50 -1.59 19.75
CA VAL B 125 5.91 -1.68 19.35
C VAL B 125 6.14 -2.19 17.93
N GLU B 126 5.22 -3.01 17.45
CA GLU B 126 5.27 -3.53 16.08
C GLU B 126 5.12 -2.39 15.07
N ILE B 127 4.13 -1.55 15.27
CA ILE B 127 3.92 -0.37 14.44
C ILE B 127 5.09 0.65 14.55
N PHE B 128 5.55 0.91 15.79
CA PHE B 128 6.76 1.71 16.04
C PHE B 128 7.96 1.20 15.24
N ASP B 129 8.17 -0.10 15.23
CA ASP B 129 9.28 -0.68 14.49
C ASP B 129 9.15 -0.40 13.00
N MET B 130 7.96 -0.58 12.45
CA MET B 130 7.72 -0.28 11.03
C MET B 130 7.95 1.19 10.70
N LEU B 131 7.42 2.07 11.55
CA LEU B 131 7.65 3.49 11.42
C LEU B 131 9.13 3.87 11.46
N LEU B 132 9.88 3.30 12.40
CA LEU B 132 11.31 3.54 12.51
C LEU B 132 12.08 3.04 11.28
N ALA B 133 11.70 1.87 10.75
CA ALA B 133 12.37 1.35 9.56
C ALA B 133 12.07 2.21 8.33
N THR B 134 10.90 2.84 8.31
CA THR B 134 10.57 3.76 7.23
C THR B 134 11.39 5.05 7.37
N SER B 135 11.50 5.55 8.60
CA SER B 135 12.33 6.69 8.86
C SER B 135 13.76 6.40 8.40
N SER B 136 14.29 5.21 8.76
CA SER B 136 15.62 4.80 8.30
C SER B 136 15.75 4.75 6.80
N ARG B 137 14.72 4.23 6.14
CA ARG B 137 14.69 4.18 4.69
C ARG B 137 14.77 5.58 4.07
N PHE B 138 14.00 6.52 4.64
CA PHE B 138 14.02 7.92 4.18
C PHE B 138 15.41 8.53 4.34
N ARG B 139 16.11 8.10 5.38
CA ARG B 139 17.43 8.62 5.71
C ARG B 139 18.51 8.11 4.77
N MET B 140 18.50 6.82 4.46
CA MET B 140 19.43 6.26 3.48
C MET B 140 19.18 6.77 2.06
N MET B 141 17.93 7.08 1.72
CA MET B 141 17.59 7.67 0.42
C MET B 141 17.91 9.15 0.35
N ASN B 142 18.11 9.76 1.52
CA ASN B 142 18.36 11.19 1.65
C ASN B 142 17.17 12.00 1.12
N LEU B 143 15.95 11.59 1.51
CA LEU B 143 14.73 12.28 1.12
C LEU B 143 14.79 13.78 1.41
N GLN B 144 14.38 14.59 0.43
CA GLN B 144 14.39 16.04 0.58
C GLN B 144 12.99 16.54 0.94
N GLY B 145 12.96 17.70 1.60
CA GLY B 145 11.69 18.35 1.96
C GLY B 145 10.72 18.51 0.80
N GLU B 146 11.23 18.96 -0.33
CA GLU B 146 10.41 19.12 -1.55
C GLU B 146 9.80 17.83 -2.06
N GLU B 147 10.57 16.73 -2.02
CA GLU B 147 10.05 15.42 -2.40
C GLU B 147 9.00 14.94 -1.39
N PHE B 148 9.27 15.20 -0.11
CA PHE B 148 8.34 14.88 0.97
C PHE B 148 6.98 15.55 0.76
N VAL B 149 6.95 16.86 0.51
CA VAL B 149 5.65 17.52 0.33
C VAL B 149 4.85 16.95 -0.85
N CYS B 150 5.56 16.48 -1.88
CA CYS B 150 4.92 15.85 -3.02
C CYS B 150 4.35 14.46 -2.70
N LEU B 151 5.11 13.63 -1.97
CA LEU B 151 4.63 12.32 -1.56
C LEU B 151 3.41 12.44 -0.65
N LYS B 152 3.51 13.33 0.32
CA LYS B 152 2.38 13.59 1.23
C LYS B 152 1.13 14.01 0.45
N SER B 153 1.28 14.84 -0.57
CA SER B 153 0.13 15.19 -1.40
C SER B 153 -0.34 14.04 -2.29
N ILE B 154 0.57 13.21 -2.75
CA ILE B 154 0.17 12.07 -3.56
C ILE B 154 -0.72 11.17 -2.74
N ILE B 155 -0.38 11.00 -1.46
CA ILE B 155 -1.12 10.12 -0.55
C ILE B 155 -2.55 10.59 -0.37
N LEU B 156 -2.72 11.89 -0.20
CA LEU B 156 -4.02 12.52 -0.07
C LEU B 156 -4.91 12.29 -1.29
N LEU B 157 -4.35 12.50 -2.47
CA LEU B 157 -5.11 12.38 -3.73
C LEU B 157 -5.37 10.94 -4.12
N ASN B 158 -4.41 10.05 -3.83
CA ASN B 158 -4.41 8.69 -4.36
C ASN B 158 -5.09 7.62 -3.50
N SER B 159 -4.93 7.70 -2.18
CA SER B 159 -5.37 6.61 -1.31
C SER B 159 -6.85 6.32 -1.40
N GLY B 160 -7.66 7.37 -1.51
CA GLY B 160 -9.10 7.19 -1.64
C GLY B 160 -9.63 7.16 -3.07
N VAL B 161 -8.77 7.36 -4.06
CA VAL B 161 -9.25 7.58 -5.43
C VAL B 161 -9.90 6.34 -6.06
N TYR B 162 -9.45 5.15 -5.68
CA TYR B 162 -9.97 3.91 -6.28
C TYR B 162 -11.27 3.44 -5.65
N THR B 163 -11.62 4.04 -4.51
CA THR B 163 -12.86 3.71 -3.83
C THR B 163 -13.93 4.78 -4.08
N PHE B 164 -13.77 5.51 -5.19
CA PHE B 164 -14.80 6.41 -5.71
C PHE B 164 -15.82 5.58 -6.48
N LEU B 165 -16.62 4.81 -5.76
CA LEU B 165 -17.53 3.86 -6.42
C LEU B 165 -18.93 4.43 -6.63
N GLU B 174 -15.05 8.08 -13.20
CA GLU B 174 -13.60 8.26 -13.10
C GLU B 174 -13.24 9.72 -12.92
N LYS B 175 -12.52 10.02 -11.84
CA LYS B 175 -12.07 11.37 -11.61
C LYS B 175 -10.70 11.54 -12.23
N ASP B 176 -10.69 11.96 -13.49
CA ASP B 176 -9.46 12.17 -14.23
C ASP B 176 -8.80 13.46 -13.81
N HIS B 177 -9.57 14.33 -13.18
CA HIS B 177 -9.02 15.55 -12.59
C HIS B 177 -8.06 15.21 -11.45
N ILE B 178 -8.40 14.21 -10.65
CA ILE B 178 -7.49 13.69 -9.63
C ILE B 178 -6.23 13.12 -10.26
N HIS B 179 -6.42 12.41 -11.37
CA HIS B 179 -5.30 11.82 -12.07
C HIS B 179 -4.48 12.85 -12.83
N ARG B 180 -5.12 13.94 -13.25
CA ARG B 180 -4.41 15.03 -13.89
C ARG B 180 -3.42 15.60 -12.88
N VAL B 181 -3.92 15.91 -11.69
CA VAL B 181 -3.12 16.53 -10.65
C VAL B 181 -2.02 15.58 -10.16
N LEU B 182 -2.37 14.31 -9.96
CA LEU B 182 -1.39 13.32 -9.56
C LEU B 182 -0.28 13.26 -10.61
N ASP B 183 -0.65 13.34 -11.89
CA ASP B 183 0.33 13.37 -13.00
C ASP B 183 1.26 14.61 -12.94
N LYS B 184 0.70 15.78 -12.65
CA LYS B 184 1.50 16.99 -12.42
C LYS B 184 2.48 16.90 -11.23
N ILE B 185 2.09 16.21 -10.17
CA ILE B 185 3.01 15.94 -9.06
C ILE B 185 4.12 14.96 -9.48
N THR B 186 3.78 14.02 -10.35
CA THR B 186 4.80 13.16 -10.94
C THR B 186 5.84 14.00 -11.71
N ASP B 187 5.34 14.87 -12.60
CA ASP B 187 6.18 15.82 -13.34
C ASP B 187 7.05 16.63 -12.39
N THR B 188 6.43 17.14 -11.33
CA THR B 188 7.11 17.90 -10.29
C THR B 188 8.24 17.14 -9.60
N LEU B 189 7.99 15.88 -9.24
CA LEU B 189 9.03 15.08 -8.60
C LEU B 189 10.22 14.86 -9.53
N ILE B 190 9.93 14.51 -10.78
CA ILE B 190 10.99 14.30 -11.75
C ILE B 190 11.78 15.59 -12.00
N HIS B 191 11.07 16.71 -12.03
CA HIS B 191 11.70 18.02 -12.20
C HIS B 191 12.67 18.31 -11.06
N LEU B 192 12.30 17.92 -9.85
CA LEU B 192 13.16 18.13 -8.69
C LEU B 192 14.38 17.22 -8.78
N MET B 193 14.17 16.01 -9.27
CA MET B 193 15.28 15.06 -9.47
C MET B 193 16.23 15.49 -10.59
N ALA B 194 15.67 15.97 -11.68
CA ALA B 194 16.47 16.53 -12.78
C ALA B 194 17.33 17.70 -12.27
N LYS B 195 16.69 18.63 -11.58
CA LYS B 195 17.37 19.77 -10.97
C LYS B 195 18.44 19.35 -9.95
N ALA B 196 18.16 18.31 -9.17
CA ALA B 196 19.15 17.78 -8.22
C ALA B 196 20.35 17.13 -8.92
N GLY B 197 20.32 17.07 -10.24
CA GLY B 197 21.43 16.51 -11.02
C GLY B 197 21.38 15.00 -11.26
N LEU B 198 20.25 14.37 -10.94
CA LEU B 198 20.12 12.93 -11.20
C LEU B 198 20.03 12.60 -12.70
N THR B 199 20.69 11.52 -13.12
CA THR B 199 20.60 11.12 -14.52
C THR B 199 19.18 10.63 -14.85
N LEU B 200 18.89 10.46 -16.13
CA LEU B 200 17.55 10.08 -16.56
C LEU B 200 17.09 8.75 -15.95
N GLN B 201 17.98 7.77 -15.94
CA GLN B 201 17.62 6.48 -15.36
C GLN B 201 17.55 6.52 -13.83
N GLN B 202 18.48 7.24 -13.20
CA GLN B 202 18.40 7.51 -11.75
C GLN B 202 17.07 8.14 -11.41
N GLN B 203 16.60 9.07 -12.24
CA GLN B 203 15.33 9.74 -11.99
C GLN B 203 14.16 8.77 -11.87
N HIS B 204 13.99 7.88 -12.84
CA HIS B 204 12.86 6.96 -12.81
C HIS B 204 13.03 5.89 -11.74
N GLN B 205 14.29 5.50 -11.51
CA GLN B 205 14.64 4.59 -10.41
C GLN B 205 14.24 5.14 -9.07
N ARG B 206 14.56 6.42 -8.84
CA ARG B 206 14.24 7.06 -7.58
C ARG B 206 12.74 7.27 -7.44
N LEU B 207 12.08 7.65 -8.53
CA LEU B 207 10.63 7.87 -8.52
C LEU B 207 9.90 6.59 -8.05
N ALA B 208 10.34 5.45 -8.58
CA ALA B 208 9.83 4.15 -8.15
C ALA B 208 10.12 3.87 -6.67
N GLN B 209 11.37 4.03 -6.25
CA GLN B 209 11.75 3.83 -4.84
C GLN B 209 10.85 4.62 -3.88
N LEU B 210 10.59 5.88 -4.21
CA LEU B 210 9.75 6.72 -3.39
C LEU B 210 8.28 6.28 -3.41
N LEU B 211 7.78 5.94 -4.59
CA LEU B 211 6.39 5.49 -4.73
C LEU B 211 6.16 4.12 -4.11
N LEU B 212 7.17 3.26 -4.11
CA LEU B 212 7.05 1.92 -3.52
C LEU B 212 6.93 1.98 -2.00
N ILE B 213 7.52 3.01 -1.41
CA ILE B 213 7.42 3.22 0.04
C ILE B 213 6.02 3.60 0.46
N LEU B 214 5.24 4.20 -0.44
CA LEU B 214 3.85 4.55 -0.15
C LEU B 214 3.02 3.31 0.13
N SER B 215 3.40 2.18 -0.45
CA SER B 215 2.72 0.93 -0.18
C SER B 215 2.98 0.42 1.26
N HIS B 216 4.17 0.68 1.80
CA HIS B 216 4.49 0.32 3.20
C HIS B 216 3.75 1.23 4.18
N ILE B 217 3.57 2.49 3.79
CA ILE B 217 2.80 3.45 4.57
C ILE B 217 1.31 3.13 4.64
N ARG B 218 0.73 2.73 3.50
CA ARG B 218 -0.59 2.13 3.50
C ARG B 218 -0.62 0.96 4.49
N HIS B 219 0.32 0.04 4.39
CA HIS B 219 0.35 -1.08 5.31
C HIS B 219 0.36 -0.62 6.77
N MET B 220 1.29 0.26 7.13
CA MET B 220 1.36 0.79 8.49
C MET B 220 0.05 1.45 8.93
N SER B 221 -0.55 2.25 8.06
CA SER B 221 -1.85 2.86 8.32
C SER B 221 -2.94 1.84 8.66
N ASN B 222 -3.06 0.76 7.89
CA ASN B 222 -4.08 -0.28 8.16
C ASN B 222 -3.85 -0.98 9.51
N LYS B 223 -2.58 -1.25 9.82
CA LYS B 223 -2.22 -1.89 11.10
C LYS B 223 -2.53 -0.93 12.24
N GLY B 224 -2.19 0.33 12.07
CA GLY B 224 -2.45 1.33 13.08
C GLY B 224 -3.93 1.58 13.27
N MET B 225 -4.71 1.43 12.21
CA MET B 225 -6.14 1.66 12.32
C MET B 225 -6.76 0.50 13.11
N GLU B 226 -6.30 -0.73 12.86
CA GLU B 226 -6.76 -1.87 13.62
C GLU B 226 -6.35 -1.79 15.11
N HIS B 227 -5.19 -1.20 15.36
CA HIS B 227 -4.71 -1.02 16.72
C HIS B 227 -5.50 0.08 17.44
N LEU B 228 -5.81 1.15 16.74
CA LEU B 228 -6.56 2.23 17.33
C LEU B 228 -7.99 1.77 17.66
N TYR B 229 -8.60 1.04 16.73
CA TYR B 229 -9.92 0.47 16.93
C TYR B 229 -9.93 -0.40 18.17
N SER B 230 -8.85 -1.16 18.33
CA SER B 230 -8.68 -2.08 19.43
C SER B 230 -8.59 -1.37 20.79
N MET B 231 -7.91 -0.22 20.84
CA MET B 231 -7.83 0.59 22.03
C MET B 231 -9.18 1.18 22.37
N LYS B 232 -9.93 1.59 21.36
CA LYS B 232 -11.27 2.11 21.55
C LYS B 232 -12.20 1.03 22.12
N CME B 233 -12.14 -0.18 21.54
CA CME B 233 -13.03 -1.28 21.92
CB CME B 233 -12.99 -2.39 20.87
SG CME B 233 -13.88 -1.85 19.44
SD CME B 233 -15.80 -1.34 19.61
CE CME B 233 -17.12 -2.51 19.57
CZ CME B 233 -17.86 -2.43 18.24
OH CME B 233 -17.52 -1.21 17.56
C CME B 233 -12.72 -1.86 23.26
O CME B 233 -13.51 -2.62 23.83
N LYS B 234 -11.54 -1.53 23.78
CA LYS B 234 -11.14 -1.97 25.11
C LYS B 234 -11.17 -0.80 26.10
N ASN B 235 -11.71 0.34 25.66
CA ASN B 235 -11.90 1.49 26.53
C ASN B 235 -10.61 1.96 27.21
N VAL B 236 -9.48 1.87 26.53
CA VAL B 236 -8.24 2.32 27.17
C VAL B 236 -8.11 3.85 27.14
N VAL B 237 -8.84 4.49 26.24
CA VAL B 237 -8.68 5.93 26.00
C VAL B 237 -9.92 6.50 25.33
N PRO B 238 -10.35 7.69 25.79
CA PRO B 238 -11.50 8.34 25.14
C PRO B 238 -11.04 9.08 23.88
N LEU B 239 -11.67 8.79 22.76
CA LEU B 239 -11.30 9.42 21.52
C LEU B 239 -12.26 10.57 21.24
N SER B 240 -11.73 11.66 20.71
CA SER B 240 -12.53 12.81 20.27
C SER B 240 -13.55 12.36 19.23
N ASP B 241 -14.64 13.12 19.08
CA ASP B 241 -15.69 12.72 18.17
C ASP B 241 -15.14 12.72 16.74
N LEU B 242 -14.17 13.60 16.47
CA LEU B 242 -13.54 13.64 15.16
C LEU B 242 -12.81 12.32 14.90
N LEU B 243 -12.03 11.86 15.89
CA LEU B 243 -11.28 10.61 15.77
C LEU B 243 -12.19 9.43 15.63
N LEU B 244 -13.22 9.40 16.47
CA LEU B 244 -14.28 8.39 16.38
C LEU B 244 -14.87 8.34 14.98
N GLU B 245 -15.06 9.51 14.36
CA GLU B 245 -15.60 9.56 13.00
C GLU B 245 -14.60 9.05 11.97
N MET B 246 -13.32 9.41 12.14
CA MET B 246 -12.27 8.99 11.21
C MET B 246 -12.12 7.46 11.24
N LEU B 247 -12.12 6.89 12.45
CA LEU B 247 -12.09 5.44 12.65
C LEU B 247 -13.26 4.75 11.97
N ASP B 248 -14.44 5.34 12.12
CA ASP B 248 -15.67 4.80 11.55
C ASP B 248 -15.68 4.67 10.04
N ALA B 249 -15.09 5.63 9.33
CA ALA B 249 -15.01 5.59 7.86
C ALA B 249 -14.38 4.29 7.39
N HIS B 250 -13.47 3.76 8.20
CA HIS B 250 -12.89 2.46 7.97
C HIS B 250 -13.75 1.46 8.71
N ARG B 251 -13.65 0.20 8.38
CA ARG B 251 -14.45 -0.79 9.10
C ARG B 251 -13.54 -1.92 9.56
N LEU B 252 -13.69 -2.29 10.82
CA LEU B 252 -12.75 -3.20 11.46
C LEU B 252 -13.56 -4.08 12.41
N HIS B 253 -12.88 -4.95 13.15
CA HIS B 253 -13.57 -5.89 14.05
C HIS B 253 -12.76 -6.16 15.32
N HIS C 2 9.95 -25.33 10.61
CA HIS C 2 9.28 -26.54 10.04
C HIS C 2 8.08 -26.12 9.19
N LYS C 3 8.00 -24.85 8.84
CA LYS C 3 6.88 -24.35 8.04
C LYS C 3 6.73 -25.14 6.75
N ILE C 4 5.49 -25.29 6.30
CA ILE C 4 5.22 -25.92 5.02
C ILE C 4 5.86 -25.12 3.89
N LEU C 5 5.73 -23.81 3.96
CA LEU C 5 6.33 -22.92 2.99
C LEU C 5 7.80 -23.25 2.88
N HIS C 6 8.45 -23.36 4.04
CA HIS C 6 9.86 -23.67 4.12
C HIS C 6 10.20 -24.90 3.28
N ARG C 7 9.49 -26.01 3.53
CA ARG C 7 9.67 -27.26 2.80
C ARG C 7 9.47 -27.09 1.29
N LEU C 8 8.37 -26.45 0.92
CA LEU C 8 8.04 -26.20 -0.49
C LEU C 8 9.14 -25.41 -1.22
N LEU C 9 9.82 -24.51 -0.51
CA LEU C 9 10.89 -23.72 -1.10
C LEU C 9 12.17 -24.54 -1.24
N GLN C 10 12.43 -25.42 -0.29
CA GLN C 10 13.54 -26.37 -0.37
C GLN C 10 13.28 -27.32 -1.53
N ASP C 11 12.03 -27.72 -1.69
CA ASP C 11 11.63 -28.59 -2.79
C ASP C 11 11.48 -27.79 -4.08
N LYS D 3 -21.57 15.20 10.75
CA LYS D 3 -20.16 14.92 10.32
C LYS D 3 -19.27 16.13 10.60
N ILE D 4 -18.35 15.95 11.54
CA ILE D 4 -17.45 17.01 11.97
C ILE D 4 -16.53 17.41 10.85
N LEU D 5 -16.01 16.41 10.15
CA LEU D 5 -15.10 16.61 9.03
C LEU D 5 -15.72 17.51 7.98
N HIS D 6 -16.96 17.18 7.61
CA HIS D 6 -17.72 17.93 6.62
C HIS D 6 -17.82 19.39 7.04
N ARG D 7 -18.07 19.60 8.33
CA ARG D 7 -18.16 20.95 8.86
C ARG D 7 -16.81 21.68 8.88
N LEU D 8 -15.77 20.97 9.29
CA LEU D 8 -14.43 21.54 9.38
C LEU D 8 -13.93 21.93 8.00
N LEU D 9 -14.36 21.18 6.98
CA LEU D 9 -13.94 21.42 5.59
C LEU D 9 -14.59 22.64 4.94
N GLN D 10 -15.67 23.14 5.49
CA GLN D 10 -16.28 24.35 4.95
C GLN D 10 -16.09 25.56 5.85
N ASP D 11 -15.39 25.37 6.96
CA ASP D 11 -15.08 26.45 7.87
C ASP D 11 -13.79 27.16 7.47
CAX DRQ E . -11.25 -19.05 -6.31
CAW DRQ E . -10.12 -18.13 -6.79
CAV DRQ E . -8.87 -18.71 -6.65
CAU DRQ E . -7.86 -18.03 -5.97
CAC DRQ E . -8.07 -16.79 -5.40
CAD DRQ E . -8.82 -16.63 -4.21
CAT DRQ E . -9.00 -15.37 -3.67
CAS DRQ E . -9.85 -15.16 -2.39
CAR DRQ E . -9.66 -16.26 -1.32
CAQ DRQ E . -10.51 -16.01 -0.05
CAO DRQ E . -10.31 -14.55 0.47
CAP DRQ E . -8.91 -14.37 1.11
CAM DRQ E . -11.42 -14.03 1.39
OAN DRQ E . -11.39 -14.59 2.71
CAL DRQ E . -11.07 -12.53 1.44
CAK DRQ E . -10.48 -12.22 0.04
CAJ DRQ E . -10.55 -13.58 -0.66
CAI DRQ E . -9.56 -13.79 -1.77
CAH DRQ E . -9.64 -12.67 -2.80
CAG DRQ E . -8.53 -12.81 -3.82
CAF DRQ E . -8.43 -14.26 -4.31
CAE DRQ E . -7.68 -14.43 -5.46
CAA DRQ E . -7.50 -15.69 -6.01
OAB DRQ E . -6.76 -15.85 -7.15
CAX DRQ F . 1.22 11.72 18.68
CAW DRQ F . 1.78 12.61 17.56
CAV DRQ F . 0.76 13.25 16.88
CAU DRQ F . 0.07 12.59 15.88
CAC DRQ F . 0.41 11.30 15.51
CAD DRQ F . -0.11 10.17 16.13
CAT DRQ F . 0.24 8.91 15.71
CAS DRQ F . -0.31 7.64 16.41
CAR DRQ F . -1.71 7.84 17.02
CAQ DRQ F . -2.21 6.57 17.76
CAO DRQ F . -2.09 5.32 16.85
CAP DRQ F . -3.12 5.38 15.71
CAM DRQ F . -2.15 3.94 17.57
OAN DRQ F . -3.45 3.54 18.04
CAL DRQ F . -1.67 3.00 16.45
CAK DRQ F . -0.69 3.85 15.59
CAJ DRQ F . -0.66 5.21 16.32
CAI DRQ F . -0.29 6.44 15.47
CAH DRQ F . 1.09 6.22 14.84
CAG DRQ F . 1.61 7.43 14.06
CAF DRQ F . 1.13 8.78 14.64
CAE DRQ F . 1.65 9.90 14.02
CAA DRQ F . 1.30 11.16 14.46
OAB DRQ F . 1.78 12.28 13.86
#